data_1DBQ
#
_entry.id   1DBQ
#
_cell.length_a   38.040
_cell.length_b   125.260
_cell.length_c   61.290
_cell.angle_alpha   90.00
_cell.angle_beta   100.17
_cell.angle_gamma   90.00
#
_symmetry.space_group_name_H-M   'P 1 21 1'
#
loop_
_entity.id
_entity.type
_entity.pdbx_description
1 polymer 'PURINE REPRESSOR'
2 non-polymer 'MAGNESIUM ION'
3 water water
#
_entity_poly.entity_id   1
_entity_poly.type   'polypeptide(L)'
_entity_poly.pdbx_seq_one_letter_code
;SLKVNHTKSIGLLATSSEAAYFAEIIEAVEKNCFQKGYTLILGNAWNNLEKQRAYLSMMAQKRVDGLLVMCSEYPEPLLA
MLEEYRHIPMVVMDWGEAKADFTDAVIDNAFEGGYMAGRYLIERGHREIGVIPGPLERNTGAGRLAGFMKAMEEAMIKVP
ESWIVQGDFEPESGYRAMQQILSQPHRPTAVFCGGDIMAMGALCAADEMGLRVPQDVSLIGYDNVRNARYFTPALTTIHQ
PKDSLGETAFNMLLDRIVNKREEPQSIEVHPRLIERRSVADGPFRDYRR
;
_entity_poly.pdbx_strand_id   A,B
#
loop_
_chem_comp.id
_chem_comp.type
_chem_comp.name
_chem_comp.formula
MG non-polymer 'MAGNESIUM ION' 'Mg 2'
#
# COMPACT_ATOMS: atom_id res chain seq x y z
N LYS A 8 -25.78 -7.73 -5.17
CA LYS A 8 -25.57 -7.04 -3.87
C LYS A 8 -24.57 -5.84 -3.91
N SER A 9 -25.05 -4.71 -3.37
CA SER A 9 -24.34 -3.45 -3.29
C SER A 9 -24.16 -3.13 -1.80
N ILE A 10 -22.97 -2.72 -1.44
CA ILE A 10 -22.69 -2.36 -0.09
C ILE A 10 -22.14 -0.96 -0.07
N GLY A 11 -22.61 -0.20 0.91
CA GLY A 11 -22.23 1.18 1.04
C GLY A 11 -21.23 1.34 2.20
N LEU A 12 -20.30 2.28 2.00
CA LEU A 12 -19.29 2.57 3.02
C LEU A 12 -19.06 4.01 3.24
N LEU A 13 -19.49 4.46 4.39
CA LEU A 13 -19.25 5.85 4.70
C LEU A 13 -18.06 5.86 5.66
N ALA A 14 -17.10 6.72 5.36
CA ALA A 14 -15.86 6.90 6.15
C ALA A 14 -15.42 8.33 6.07
N THR A 15 -14.74 8.76 7.14
CA THR A 15 -14.19 10.12 7.24
C THR A 15 -13.17 10.23 6.07
N SER A 16 -12.22 9.25 6.08
CA SER A 16 -11.16 9.09 5.09
C SER A 16 -10.68 7.65 4.82
N SER A 17 -10.75 7.24 3.54
CA SER A 17 -10.34 5.92 3.05
C SER A 17 -8.82 5.77 3.11
N GLU A 18 -8.16 6.91 2.98
CA GLU A 18 -6.71 6.98 3.00
C GLU A 18 -6.07 7.36 4.32
N ALA A 19 -6.80 7.22 5.42
CA ALA A 19 -6.25 7.55 6.74
C ALA A 19 -5.58 6.32 7.31
N ALA A 20 -4.42 6.53 7.94
CA ALA A 20 -3.55 5.45 8.44
C ALA A 20 -4.31 4.29 9.01
N TYR A 21 -5.03 4.57 10.09
CA TYR A 21 -5.83 3.55 10.80
C TYR A 21 -6.86 2.85 9.96
N PHE A 22 -7.70 3.63 9.30
CA PHE A 22 -8.75 3.08 8.46
C PHE A 22 -8.27 2.31 7.22
N ALA A 23 -7.26 2.87 6.53
CA ALA A 23 -6.66 2.29 5.32
C ALA A 23 -6.65 0.79 5.27
N GLU A 24 -5.96 0.17 6.21
CA GLU A 24 -5.88 -1.30 6.33
C GLU A 24 -7.25 -1.96 6.60
N ILE A 25 -8.21 -1.22 7.17
CA ILE A 25 -9.55 -1.74 7.52
C ILE A 25 -10.47 -1.76 6.29
N ILE A 26 -10.42 -0.67 5.52
CA ILE A 26 -11.18 -0.51 4.32
C ILE A 26 -10.76 -1.55 3.26
N GLU A 27 -9.48 -1.80 3.16
CA GLU A 27 -9.05 -2.80 2.19
C GLU A 27 -9.52 -4.21 2.60
N ALA A 28 -9.64 -4.51 3.86
CA ALA A 28 -10.09 -5.83 4.20
C ALA A 28 -11.52 -5.92 3.75
N VAL A 29 -12.29 -4.85 3.97
CA VAL A 29 -13.71 -4.82 3.58
C VAL A 29 -13.79 -5.12 2.07
N GLU A 30 -13.16 -4.21 1.30
CA GLU A 30 -13.07 -4.31 -0.16
C GLU A 30 -12.77 -5.73 -0.55
N LYS A 31 -11.74 -6.29 0.07
CA LYS A 31 -11.35 -7.65 -0.26
C LYS A 31 -12.39 -8.65 0.00
N ASN A 32 -13.17 -8.41 1.02
CA ASN A 32 -14.22 -9.36 1.31
C ASN A 32 -15.39 -9.15 0.32
N CYS A 33 -15.62 -7.92 -0.09
CA CYS A 33 -16.69 -7.63 -1.02
C CYS A 33 -16.51 -8.39 -2.30
N PHE A 34 -15.48 -8.00 -3.04
CA PHE A 34 -15.17 -8.65 -4.32
C PHE A 34 -15.18 -10.19 -4.22
N GLN A 35 -14.78 -10.70 -3.07
CA GLN A 35 -14.77 -12.14 -2.91
C GLN A 35 -16.17 -12.72 -3.04
N LYS A 36 -17.19 -12.01 -2.52
CA LYS A 36 -18.57 -12.49 -2.58
C LYS A 36 -19.21 -12.04 -3.89
N GLY A 37 -18.67 -11.01 -4.50
CA GLY A 37 -19.21 -10.54 -5.74
C GLY A 37 -19.94 -9.27 -5.54
N TYR A 38 -19.88 -8.75 -4.32
CA TYR A 38 -20.57 -7.51 -4.01
C TYR A 38 -19.87 -6.31 -4.59
N THR A 39 -20.65 -5.27 -4.77
CA THR A 39 -20.18 -4.03 -5.32
C THR A 39 -20.02 -3.08 -4.13
N LEU A 40 -19.07 -2.14 -4.19
CA LEU A 40 -18.90 -1.23 -3.07
C LEU A 40 -19.14 0.23 -3.41
N ILE A 41 -19.96 0.87 -2.62
CA ILE A 41 -20.28 2.27 -2.86
C ILE A 41 -19.60 3.12 -1.80
N LEU A 42 -18.46 3.62 -2.20
CA LEU A 42 -17.58 4.40 -1.40
C LEU A 42 -17.80 5.90 -1.29
N GLY A 43 -17.83 6.39 -0.05
CA GLY A 43 -17.98 7.81 0.16
C GLY A 43 -17.16 8.28 1.35
N ASN A 44 -16.43 9.38 1.18
CA ASN A 44 -15.62 9.96 2.27
C ASN A 44 -16.20 11.33 2.49
N ALA A 45 -16.77 11.46 3.69
CA ALA A 45 -17.46 12.65 4.18
C ALA A 45 -16.67 13.68 4.99
N TRP A 46 -15.66 13.24 5.69
CA TRP A 46 -14.88 14.21 6.46
C TRP A 46 -15.42 15.07 7.60
N ASN A 47 -16.68 14.96 8.00
CA ASN A 47 -17.29 15.76 9.12
C ASN A 47 -18.27 16.83 8.80
N ASN A 48 -18.78 16.80 7.58
CA ASN A 48 -19.75 17.80 7.25
C ASN A 48 -21.06 17.12 7.31
N LEU A 49 -21.83 17.51 8.34
CA LEU A 49 -23.16 16.97 8.59
C LEU A 49 -23.91 16.86 7.28
N GLU A 50 -23.84 17.93 6.52
CA GLU A 50 -24.46 18.06 5.24
C GLU A 50 -23.94 17.08 4.17
N LYS A 51 -22.64 17.01 4.00
CA LYS A 51 -22.07 16.10 3.03
C LYS A 51 -22.36 14.65 3.34
N GLN A 52 -22.29 14.27 4.61
CA GLN A 52 -22.55 12.88 5.03
C GLN A 52 -24.03 12.68 4.88
N ARG A 53 -24.76 13.75 5.15
CA ARG A 53 -26.20 13.73 5.04
C ARG A 53 -26.57 13.58 3.57
N ALA A 54 -25.62 13.90 2.67
CA ALA A 54 -25.85 13.77 1.22
C ALA A 54 -25.47 12.35 0.79
N TYR A 55 -24.40 11.81 1.33
CA TYR A 55 -24.05 10.48 0.92
C TYR A 55 -25.13 9.53 1.43
N LEU A 56 -25.74 9.89 2.53
CA LEU A 56 -26.74 9.00 3.10
C LEU A 56 -27.94 8.84 2.25
N SER A 57 -28.51 9.98 1.88
CA SER A 57 -29.71 9.99 1.07
C SER A 57 -29.53 9.25 -0.23
N MET A 58 -28.36 9.44 -0.83
CA MET A 58 -28.06 8.82 -2.10
C MET A 58 -27.88 7.33 -1.98
N MET A 59 -27.34 6.89 -0.87
CA MET A 59 -27.15 5.47 -0.75
C MET A 59 -28.49 4.77 -0.54
N ALA A 60 -29.39 5.50 0.07
CA ALA A 60 -30.72 5.03 0.35
C ALA A 60 -31.33 5.04 -1.06
N GLN A 61 -31.07 6.15 -1.77
CA GLN A 61 -31.57 6.29 -3.12
C GLN A 61 -31.07 5.20 -4.04
N LYS A 62 -29.85 4.69 -3.82
CA LYS A 62 -29.33 3.66 -4.69
C LYS A 62 -29.71 2.35 -4.12
N ARG A 63 -30.48 2.39 -3.08
CA ARG A 63 -30.89 1.14 -2.53
C ARG A 63 -29.82 0.09 -2.14
N VAL A 64 -28.77 0.55 -1.47
CA VAL A 64 -27.75 -0.37 -1.04
C VAL A 64 -28.42 -1.34 -0.10
N ASP A 65 -27.98 -2.57 -0.21
CA ASP A 65 -28.46 -3.65 0.66
C ASP A 65 -28.02 -3.49 2.11
N GLY A 66 -26.90 -2.80 2.32
CA GLY A 66 -26.35 -2.62 3.65
C GLY A 66 -25.35 -1.51 3.72
N LEU A 67 -25.12 -1.02 4.95
CA LEU A 67 -24.20 0.08 5.20
C LEU A 67 -23.16 -0.14 6.29
N LEU A 68 -21.91 0.24 5.96
CA LEU A 68 -20.79 0.18 6.93
C LEU A 68 -20.46 1.63 7.22
N VAL A 69 -20.44 1.99 8.48
CA VAL A 69 -20.10 3.33 8.91
C VAL A 69 -18.93 3.29 9.92
N MET A 70 -17.94 4.09 9.65
CA MET A 70 -16.76 4.21 10.53
C MET A 70 -16.43 5.71 10.51
N CYS A 71 -16.58 6.42 11.62
CA CYS A 71 -16.30 7.87 11.58
C CYS A 71 -15.42 8.64 12.59
N SER A 72 -14.62 7.98 13.40
CA SER A 72 -13.77 8.77 14.37
C SER A 72 -14.50 9.62 15.44
N GLU A 73 -15.65 10.15 15.05
CA GLU A 73 -16.52 10.95 15.89
C GLU A 73 -17.93 10.88 15.36
N TYR A 74 -18.90 10.73 16.28
CA TYR A 74 -20.31 10.64 15.94
C TYR A 74 -21.06 11.64 16.80
N PRO A 75 -21.20 12.88 16.34
CA PRO A 75 -21.97 13.86 17.13
C PRO A 75 -23.43 13.51 17.00
N GLU A 76 -24.17 13.88 18.02
CA GLU A 76 -25.59 13.67 18.14
C GLU A 76 -26.31 13.84 16.85
N PRO A 77 -25.95 14.90 16.16
CA PRO A 77 -26.63 15.13 14.90
C PRO A 77 -26.36 14.06 13.83
N LEU A 78 -25.21 13.42 13.88
CA LEU A 78 -24.89 12.39 12.88
C LEU A 78 -25.72 11.18 13.20
N LEU A 79 -25.71 10.91 14.48
CA LEU A 79 -26.42 9.78 15.06
C LEU A 79 -27.95 9.90 14.76
N ALA A 80 -28.48 11.10 14.89
CA ALA A 80 -29.88 11.32 14.63
C ALA A 80 -30.18 10.99 13.17
N MET A 81 -29.42 11.58 12.24
CA MET A 81 -29.69 11.25 10.85
C MET A 81 -29.55 9.77 10.60
N LEU A 82 -28.57 9.12 11.23
CA LEU A 82 -28.43 7.69 11.01
C LEU A 82 -29.68 7.01 11.47
N GLU A 83 -30.29 7.51 12.57
CA GLU A 83 -31.52 6.88 13.03
C GLU A 83 -32.65 6.90 12.02
N GLU A 84 -32.66 7.86 11.15
CA GLU A 84 -33.73 7.86 10.15
C GLU A 84 -33.58 6.69 9.19
N TYR A 85 -32.32 6.33 8.86
CA TYR A 85 -32.02 5.24 7.93
C TYR A 85 -31.91 3.88 8.44
N ARG A 86 -32.49 3.65 9.60
CA ARG A 86 -32.41 2.32 10.19
C ARG A 86 -33.14 1.18 9.53
N HIS A 87 -33.83 1.47 8.43
CA HIS A 87 -34.53 0.38 7.70
C HIS A 87 -33.47 -0.30 6.90
N ILE A 88 -32.31 0.38 6.74
CA ILE A 88 -31.21 -0.20 6.02
C ILE A 88 -30.17 -0.78 7.01
N PRO A 89 -29.92 -2.07 6.89
CA PRO A 89 -28.97 -2.79 7.75
C PRO A 89 -27.62 -2.11 7.73
N MET A 90 -27.14 -1.83 8.93
CA MET A 90 -25.88 -1.13 9.16
C MET A 90 -25.02 -1.62 10.32
N VAL A 91 -23.73 -1.27 10.22
CA VAL A 91 -22.69 -1.55 11.23
C VAL A 91 -22.07 -0.14 11.32
N VAL A 92 -22.23 0.48 12.48
CA VAL A 92 -21.71 1.83 12.74
C VAL A 92 -20.62 1.64 13.87
N MET A 93 -19.39 1.53 13.39
CA MET A 93 -18.23 1.29 14.24
C MET A 93 -17.85 2.47 15.02
N ASP A 94 -17.77 2.29 16.33
CA ASP A 94 -17.41 3.40 17.21
C ASP A 94 -16.18 3.09 18.05
N TRP A 95 -15.09 3.85 17.82
CA TRP A 95 -13.88 3.62 18.63
C TRP A 95 -14.27 4.53 19.79
N GLY A 96 -13.57 4.59 20.87
CA GLY A 96 -14.25 5.54 21.76
C GLY A 96 -15.12 4.77 22.74
N GLU A 97 -15.34 5.45 23.83
CA GLU A 97 -16.07 5.07 25.02
C GLU A 97 -17.44 4.57 24.67
N ALA A 98 -17.70 3.32 25.07
CA ALA A 98 -18.99 2.70 24.78
C ALA A 98 -20.13 3.50 25.40
N LYS A 99 -21.16 3.82 24.61
CA LYS A 99 -22.36 4.58 25.00
C LYS A 99 -23.53 3.70 24.87
N ALA A 100 -24.63 4.11 25.45
CA ALA A 100 -25.85 3.31 25.39
C ALA A 100 -26.69 3.84 24.20
N ASP A 101 -26.27 3.52 22.96
CA ASP A 101 -26.96 3.95 21.73
C ASP A 101 -26.88 2.74 20.87
N PHE A 102 -27.18 2.85 19.57
CA PHE A 102 -27.12 1.67 18.68
C PHE A 102 -25.72 1.45 18.02
N THR A 103 -24.72 2.28 18.32
CA THR A 103 -23.36 2.07 17.70
C THR A 103 -22.69 0.76 18.16
N ASP A 104 -21.90 0.15 17.27
CA ASP A 104 -21.11 -1.08 17.62
C ASP A 104 -19.82 -0.54 18.21
N ALA A 105 -19.34 -1.19 19.24
CA ALA A 105 -18.16 -0.69 19.86
C ALA A 105 -16.89 -1.29 19.37
N VAL A 106 -15.92 -0.45 19.15
CA VAL A 106 -14.66 -1.00 18.75
C VAL A 106 -13.56 -0.82 19.80
N ILE A 107 -13.00 -1.93 20.24
CA ILE A 107 -11.94 -1.89 21.18
C ILE A 107 -10.62 -2.50 20.67
N ASP A 108 -9.74 -1.59 20.32
CA ASP A 108 -8.44 -1.98 19.87
C ASP A 108 -7.69 -1.84 21.19
N ASN A 109 -6.76 -2.69 21.46
CA ASN A 109 -6.18 -2.48 22.76
C ASN A 109 -4.82 -1.82 22.58
N ALA A 110 -4.81 -0.58 22.14
CA ALA A 110 -3.57 0.18 21.85
C ALA A 110 -2.66 0.45 23.03
N PHE A 111 -3.26 0.82 24.15
CA PHE A 111 -2.53 1.11 25.36
C PHE A 111 -1.79 -0.17 25.69
N GLU A 112 -2.43 -1.32 25.44
CA GLU A 112 -1.74 -2.57 25.72
C GLU A 112 -0.57 -2.85 24.75
N GLY A 113 -0.73 -2.49 23.47
CA GLY A 113 0.34 -2.71 22.49
C GLY A 113 1.54 -1.82 22.86
N GLY A 114 1.26 -0.54 23.11
CA GLY A 114 2.27 0.45 23.50
C GLY A 114 3.16 -0.09 24.68
N TYR A 115 2.50 -0.59 25.71
CA TYR A 115 3.11 -1.14 26.94
C TYR A 115 3.97 -2.32 26.62
N MET A 116 3.44 -3.26 25.81
CA MET A 116 4.20 -4.45 25.45
C MET A 116 5.49 -4.01 24.74
N ALA A 117 5.36 -2.96 23.96
CA ALA A 117 6.45 -2.47 23.24
C ALA A 117 7.53 -1.99 24.23
N GLY A 118 7.14 -1.06 25.14
CA GLY A 118 8.04 -0.49 26.16
C GLY A 118 8.73 -1.60 26.95
N ARG A 119 7.91 -2.47 27.47
CA ARG A 119 8.35 -3.58 28.27
C ARG A 119 9.36 -4.47 27.58
N TYR A 120 9.11 -4.72 26.29
CA TYR A 120 10.02 -5.59 25.56
C TYR A 120 11.38 -4.92 25.49
N LEU A 121 11.34 -3.63 25.23
CA LEU A 121 12.59 -2.88 25.11
C LEU A 121 13.37 -2.98 26.42
N ILE A 122 12.66 -2.72 27.51
CA ILE A 122 13.22 -2.74 28.84
C ILE A 122 13.74 -4.07 29.22
N GLU A 123 13.07 -5.11 28.75
CA GLU A 123 13.47 -6.49 29.06
C GLU A 123 14.76 -6.86 28.27
N ARG A 124 14.85 -6.35 27.05
CA ARG A 124 15.98 -6.64 26.19
C ARG A 124 17.22 -5.88 26.65
N GLY A 125 17.09 -5.14 27.74
CA GLY A 125 18.24 -4.43 28.24
C GLY A 125 18.44 -3.00 27.85
N HIS A 126 17.46 -2.34 27.27
CA HIS A 126 17.78 -0.95 26.96
C HIS A 126 17.26 -0.06 28.04
N ARG A 127 17.86 1.13 28.22
CA ARG A 127 17.44 2.09 29.23
C ARG A 127 17.45 3.51 28.66
N GLU A 128 18.19 3.70 27.59
CA GLU A 128 18.19 5.02 26.95
C GLU A 128 17.42 4.79 25.64
N ILE A 129 16.13 5.13 25.72
CA ILE A 129 15.12 4.97 24.66
C ILE A 129 14.66 6.25 24.02
N GLY A 130 14.37 6.17 22.74
CA GLY A 130 13.89 7.34 22.03
C GLY A 130 12.48 7.05 21.52
N VAL A 131 11.78 8.11 21.16
CA VAL A 131 10.41 7.94 20.63
C VAL A 131 10.01 8.75 19.42
N ILE A 132 9.26 8.06 18.56
CA ILE A 132 8.70 8.64 17.33
C ILE A 132 7.23 8.25 17.31
N PRO A 133 6.55 9.08 18.03
CA PRO A 133 5.14 8.98 18.19
C PRO A 133 4.46 9.48 16.92
N GLY A 134 3.22 9.02 16.75
CA GLY A 134 2.35 9.36 15.62
C GLY A 134 1.71 10.66 16.01
N PRO A 135 0.83 11.22 15.18
CA PRO A 135 0.26 12.51 15.62
C PRO A 135 -0.64 12.30 16.82
N ALA A 142 -0.31 7.79 20.84
CA ALA A 142 -1.69 7.85 21.28
C ALA A 142 -1.84 7.38 22.73
N GLY A 143 -2.67 6.33 22.84
CA GLY A 143 -3.06 5.57 24.01
C GLY A 143 -1.95 4.50 23.98
N ARG A 144 -1.35 4.30 22.80
CA ARG A 144 -0.26 3.34 22.67
C ARG A 144 0.94 4.07 23.28
N LEU A 145 1.09 5.34 22.94
CA LEU A 145 2.19 6.17 23.44
C LEU A 145 2.13 6.22 24.89
N ALA A 146 0.90 6.29 25.35
CA ALA A 146 0.56 6.36 26.76
C ALA A 146 0.85 5.09 27.47
N GLY A 147 0.61 3.99 26.78
CA GLY A 147 0.84 2.71 27.40
C GLY A 147 2.37 2.45 27.38
N PHE A 148 3.04 3.13 26.44
CA PHE A 148 4.47 3.01 26.27
C PHE A 148 5.17 3.73 27.46
N MET A 149 4.72 4.95 27.69
CA MET A 149 5.23 5.76 28.78
C MET A 149 4.98 5.07 30.15
N LYS A 150 3.91 4.27 30.29
CA LYS A 150 3.73 3.65 31.60
C LYS A 150 4.75 2.59 31.85
N ALA A 151 5.11 1.82 30.81
CA ALA A 151 6.14 0.79 31.03
C ALA A 151 7.50 1.56 31.37
N MET A 152 7.66 2.75 30.82
CA MET A 152 8.86 3.58 31.08
C MET A 152 8.87 4.07 32.55
N GLU A 153 7.84 4.82 32.89
CA GLU A 153 7.66 5.36 34.20
C GLU A 153 7.79 4.25 35.23
N GLU A 154 7.22 3.09 34.95
CA GLU A 154 7.32 2.01 35.91
C GLU A 154 8.71 1.37 36.14
N ALA A 155 9.63 1.56 35.17
CA ALA A 155 11.02 1.05 35.26
C ALA A 155 11.98 2.21 35.60
N MET A 156 11.44 3.30 36.12
CA MET A 156 12.17 4.48 36.48
C MET A 156 12.83 5.22 35.33
N ILE A 157 12.64 4.71 34.10
CA ILE A 157 13.26 5.36 32.96
C ILE A 157 12.62 6.72 32.62
N LYS A 158 13.47 7.68 32.33
CA LYS A 158 13.07 9.00 31.95
C LYS A 158 13.42 9.22 30.46
N VAL A 159 12.48 9.67 29.66
CA VAL A 159 12.88 9.85 28.31
C VAL A 159 12.95 11.31 27.98
N PRO A 160 14.14 11.82 27.78
CA PRO A 160 14.34 13.24 27.46
C PRO A 160 13.57 13.76 26.22
N GLU A 161 13.25 15.05 26.21
CA GLU A 161 12.54 15.68 25.10
C GLU A 161 13.29 15.63 23.80
N SER A 162 14.61 15.74 23.92
CA SER A 162 15.46 15.73 22.75
C SER A 162 15.40 14.35 22.09
N TRP A 163 14.81 13.38 22.76
CA TRP A 163 14.75 12.06 22.17
C TRP A 163 13.35 11.70 21.77
N ILE A 164 12.47 12.71 21.78
CA ILE A 164 11.09 12.45 21.40
C ILE A 164 10.83 13.32 20.21
N VAL A 165 10.56 12.73 19.08
CA VAL A 165 10.27 13.59 17.91
C VAL A 165 9.10 12.94 17.15
N GLN A 166 8.06 13.71 16.91
CA GLN A 166 6.95 13.08 16.23
C GLN A 166 6.89 13.06 14.74
N GLY A 167 6.09 12.17 14.24
CA GLY A 167 5.93 12.03 12.82
C GLY A 167 4.46 12.13 12.55
N ASP A 168 4.11 11.72 11.32
CA ASP A 168 2.74 11.76 10.85
C ASP A 168 2.35 10.53 10.05
N PHE A 169 2.92 9.40 10.39
CA PHE A 169 2.60 8.15 9.70
C PHE A 169 3.36 7.86 8.45
N GLU A 170 3.79 8.89 7.75
CA GLU A 170 4.53 8.68 6.54
C GLU A 170 6.04 8.58 6.74
N PRO A 171 6.68 7.90 5.81
CA PRO A 171 8.12 7.66 5.79
C PRO A 171 9.07 8.82 5.92
N GLU A 172 8.90 9.89 5.16
CA GLU A 172 9.81 11.01 5.31
C GLU A 172 9.85 11.54 6.78
N SER A 173 8.69 11.49 7.43
CA SER A 173 8.50 11.94 8.80
C SER A 173 9.33 11.02 9.70
N GLY A 174 9.29 9.70 9.46
CA GLY A 174 10.10 8.77 10.27
C GLY A 174 11.65 9.03 9.96
N TYR A 175 11.94 9.44 8.74
CA TYR A 175 13.30 9.66 8.33
C TYR A 175 13.85 10.86 9.06
N ARG A 176 13.12 11.94 8.95
CA ARG A 176 13.52 13.19 9.58
C ARG A 176 13.64 13.10 11.12
N ALA A 177 12.69 12.44 11.76
CA ALA A 177 12.78 12.33 13.21
C ALA A 177 13.94 11.48 13.64
N MET A 178 14.21 10.42 12.91
CA MET A 178 15.32 9.49 13.23
C MET A 178 16.67 10.22 13.08
N GLN A 179 16.77 10.99 12.04
CA GLN A 179 17.97 11.74 11.78
C GLN A 179 18.15 12.74 12.99
N GLN A 180 17.09 13.47 13.32
CA GLN A 180 17.10 14.45 14.42
C GLN A 180 17.56 13.86 15.72
N ILE A 181 17.00 12.71 16.09
CA ILE A 181 17.36 12.01 17.33
C ILE A 181 18.79 11.43 17.28
N LEU A 182 19.15 10.88 16.13
CA LEU A 182 20.48 10.28 15.92
C LEU A 182 21.60 11.34 15.85
N SER A 183 21.29 12.56 15.44
CA SER A 183 22.26 13.61 15.38
C SER A 183 22.49 14.31 16.76
N GLN A 184 22.08 13.67 17.86
CA GLN A 184 22.25 14.27 19.22
C GLN A 184 23.60 13.93 19.85
N PRO A 185 24.30 14.89 20.51
CA PRO A 185 25.62 14.61 21.13
C PRO A 185 25.58 13.30 21.87
N HIS A 186 24.42 12.99 22.46
CA HIS A 186 24.17 11.74 23.19
C HIS A 186 22.91 11.09 22.57
N ARG A 187 22.95 9.77 22.32
CA ARG A 187 21.80 9.13 21.71
C ARG A 187 21.26 7.86 22.37
N PRO A 188 19.94 7.60 22.15
CA PRO A 188 19.35 6.42 22.75
C PRO A 188 19.95 5.22 22.09
N THR A 189 19.76 4.09 22.75
CA THR A 189 20.27 2.84 22.20
C THR A 189 19.15 2.09 21.49
N ALA A 190 17.91 2.56 21.65
CA ALA A 190 16.79 1.86 20.96
C ALA A 190 15.75 2.86 20.68
N VAL A 191 14.95 2.63 19.66
CA VAL A 191 13.90 3.63 19.44
C VAL A 191 12.53 2.98 19.29
N PHE A 192 11.47 3.67 19.75
CA PHE A 192 10.07 3.14 19.61
C PHE A 192 9.42 4.01 18.54
N CYS A 193 9.00 3.38 17.40
CA CYS A 193 8.38 4.10 16.30
C CYS A 193 6.90 3.74 16.28
N GLY A 194 6.04 4.71 16.48
CA GLY A 194 4.64 4.32 16.51
C GLY A 194 3.98 4.04 15.19
N GLY A 195 4.65 3.31 14.30
CA GLY A 195 4.08 3.03 12.99
C GLY A 195 5.15 2.56 12.03
N ASP A 196 5.02 1.31 11.63
CA ASP A 196 5.91 0.69 10.74
C ASP A 196 6.30 1.51 9.51
N ILE A 197 5.33 2.14 8.84
CA ILE A 197 5.64 2.92 7.63
C ILE A 197 6.72 3.94 7.95
N MET A 198 6.48 4.65 9.06
CA MET A 198 7.32 5.66 9.64
C MET A 198 8.63 4.99 9.95
N ALA A 199 8.58 3.78 10.52
CA ALA A 199 9.78 3.04 10.85
C ALA A 199 10.59 2.72 9.57
N MET A 200 9.90 2.62 8.45
CA MET A 200 10.57 2.30 7.22
C MET A 200 11.55 3.43 7.00
N GLY A 201 11.10 4.65 7.23
CA GLY A 201 11.92 5.83 7.06
C GLY A 201 13.01 5.95 8.05
N ALA A 202 12.75 5.61 9.30
CA ALA A 202 13.77 5.72 10.34
C ALA A 202 14.90 4.82 10.02
N LEU A 203 14.53 3.62 9.55
CA LEU A 203 15.49 2.53 9.16
C LEU A 203 16.39 3.07 8.02
N CYS A 204 15.80 3.64 6.97
CA CYS A 204 16.63 4.20 5.90
C CYS A 204 17.56 5.31 6.51
N ALA A 205 17.01 6.16 7.40
CA ALA A 205 17.82 7.22 8.01
C ALA A 205 18.99 6.70 8.81
N ALA A 206 18.76 5.69 9.63
CA ALA A 206 19.87 5.17 10.43
C ALA A 206 20.99 4.71 9.44
N ASP A 207 20.55 4.08 8.34
CA ASP A 207 21.52 3.60 7.39
C ASP A 207 22.41 4.64 6.75
N GLU A 208 21.79 5.68 6.21
CA GLU A 208 22.45 6.76 5.52
C GLU A 208 23.32 7.56 6.48
N MET A 209 23.29 7.23 7.77
CA MET A 209 24.09 7.94 8.79
C MET A 209 25.15 6.98 9.29
N GLY A 210 25.31 5.90 8.57
CA GLY A 210 26.30 4.89 8.89
C GLY A 210 26.02 4.04 10.11
N LEU A 211 24.84 4.18 10.73
CA LEU A 211 24.52 3.36 11.90
C LEU A 211 23.87 2.04 11.49
N ARG A 212 24.28 0.94 12.13
CA ARG A 212 23.73 -0.37 11.82
C ARG A 212 22.60 -0.75 12.79
N VAL A 213 21.51 -1.27 12.23
CA VAL A 213 20.33 -1.73 13.00
C VAL A 213 20.32 -3.25 13.00
N PRO A 214 20.24 -3.88 14.16
CA PRO A 214 20.17 -3.20 15.43
C PRO A 214 21.53 -3.29 16.06
N GLN A 215 22.61 -3.31 15.32
CA GLN A 215 23.87 -3.41 16.03
C GLN A 215 24.12 -2.18 16.72
N ASP A 216 23.86 -1.07 16.08
CA ASP A 216 24.12 0.22 16.73
C ASP A 216 22.87 0.74 17.39
N VAL A 217 21.73 0.48 16.78
CA VAL A 217 20.50 0.95 17.34
C VAL A 217 19.43 -0.05 17.06
N SER A 218 18.70 -0.31 18.14
CA SER A 218 17.59 -1.24 18.11
C SER A 218 16.28 -0.45 17.72
N LEU A 219 15.39 -1.11 16.99
CA LEU A 219 14.16 -0.42 16.62
C LEU A 219 12.94 -1.30 16.62
N ILE A 220 11.87 -0.73 17.15
CA ILE A 220 10.61 -1.46 17.22
C ILE A 220 9.51 -0.59 16.63
N GLY A 221 8.69 -1.22 15.79
CA GLY A 221 7.56 -0.48 15.18
C GLY A 221 6.17 -0.76 15.80
N TYR A 222 5.15 -0.39 15.06
CA TYR A 222 3.81 -0.65 15.56
C TYR A 222 2.92 -0.78 14.34
N ASP A 223 2.11 -1.87 14.33
CA ASP A 223 1.11 -2.25 13.29
C ASP A 223 1.33 -3.64 12.75
N ASN A 224 2.53 -3.85 12.25
CA ASN A 224 2.89 -5.13 11.60
C ASN A 224 2.19 -5.12 10.24
N VAL A 225 2.49 -4.08 9.41
CA VAL A 225 1.92 -3.90 8.06
C VAL A 225 2.40 -5.11 7.20
N ARG A 226 1.65 -5.36 6.13
CA ARG A 226 1.90 -6.47 5.22
C ARG A 226 3.34 -6.80 4.86
N ASN A 227 4.14 -5.79 4.51
CA ASN A 227 5.55 -6.04 4.11
C ASN A 227 6.61 -6.07 5.19
N ALA A 228 6.26 -5.65 6.40
CA ALA A 228 7.21 -5.56 7.53
C ALA A 228 8.30 -6.54 7.60
N ARG A 229 7.92 -7.81 7.46
CA ARG A 229 8.87 -8.94 7.50
C ARG A 229 9.91 -8.80 6.43
N TYR A 230 9.60 -8.05 5.41
CA TYR A 230 10.55 -7.92 4.33
C TYR A 230 11.25 -6.59 4.33
N PHE A 231 11.25 -5.90 5.48
CA PHE A 231 11.92 -4.63 5.62
C PHE A 231 13.39 -4.99 5.80
N THR A 232 14.29 -4.04 5.75
CA THR A 232 15.69 -4.42 5.99
C THR A 232 16.25 -3.67 7.17
N PRO A 233 16.51 -4.33 8.29
CA PRO A 233 16.26 -5.74 8.51
C PRO A 233 14.79 -6.02 8.88
N ALA A 234 14.50 -7.30 9.09
CA ALA A 234 13.13 -7.68 9.42
C ALA A 234 12.78 -7.07 10.72
N LEU A 235 11.73 -6.27 10.62
CA LEU A 235 11.14 -5.50 11.69
C LEU A 235 10.41 -6.16 12.81
N THR A 236 10.82 -5.74 14.02
CA THR A 236 10.26 -6.12 15.29
C THR A 236 9.14 -5.07 15.49
N THR A 237 7.93 -5.61 15.76
CA THR A 237 6.80 -4.69 15.84
C THR A 237 5.60 -5.31 16.59
N ILE A 238 4.61 -4.48 16.73
CA ILE A 238 3.38 -4.89 17.37
C ILE A 238 2.29 -5.12 16.34
N HIS A 239 1.86 -6.35 16.29
CA HIS A 239 0.78 -6.66 15.38
C HIS A 239 -0.49 -6.07 15.92
N GLN A 240 -1.07 -5.09 15.23
CA GLN A 240 -2.36 -4.47 15.63
C GLN A 240 -3.36 -4.98 14.58
N PRO A 241 -4.34 -5.79 14.94
CA PRO A 241 -5.22 -6.29 13.88
C PRO A 241 -6.15 -5.31 13.19
N LYS A 242 -5.92 -5.15 11.90
CA LYS A 242 -6.77 -4.24 11.14
C LYS A 242 -7.63 -5.13 10.22
N ASP A 243 -7.01 -6.11 9.58
CA ASP A 243 -7.74 -7.00 8.68
C ASP A 243 -8.86 -7.74 9.40
N SER A 244 -8.62 -8.22 10.63
CA SER A 244 -9.61 -8.93 11.37
C SER A 244 -10.82 -8.05 11.70
N LEU A 245 -10.53 -6.81 11.97
CA LEU A 245 -11.56 -5.90 12.30
C LEU A 245 -12.48 -5.76 11.11
N GLY A 246 -11.85 -5.56 9.94
CA GLY A 246 -12.51 -5.37 8.61
C GLY A 246 -13.38 -6.59 8.38
N GLU A 247 -12.79 -7.76 8.49
CA GLU A 247 -13.52 -9.01 8.33
C GLU A 247 -14.71 -9.06 9.29
N THR A 248 -14.41 -8.83 10.56
CA THR A 248 -15.48 -8.84 11.55
C THR A 248 -16.70 -7.91 11.22
N ALA A 249 -16.43 -6.69 10.90
CA ALA A 249 -17.50 -5.78 10.61
C ALA A 249 -18.36 -6.32 9.42
N PHE A 250 -17.67 -6.71 8.36
CA PHE A 250 -18.30 -7.22 7.17
C PHE A 250 -19.27 -8.34 7.47
N ASN A 251 -18.81 -9.34 8.19
CA ASN A 251 -19.64 -10.46 8.52
C ASN A 251 -20.79 -10.04 9.40
N MET A 252 -20.56 -9.07 10.28
CA MET A 252 -21.66 -8.63 11.13
C MET A 252 -22.66 -8.02 10.21
N LEU A 253 -22.19 -7.31 9.21
CA LEU A 253 -23.18 -6.71 8.33
C LEU A 253 -23.99 -7.74 7.49
N LEU A 254 -23.33 -8.80 7.03
CA LEU A 254 -23.95 -9.86 6.22
C LEU A 254 -25.00 -10.57 7.08
N ASP A 255 -24.72 -10.64 8.37
CA ASP A 255 -25.62 -11.25 9.34
C ASP A 255 -26.91 -10.44 9.54
N ARG A 256 -26.75 -9.14 9.72
CA ARG A 256 -27.85 -8.22 9.92
C ARG A 256 -28.68 -8.10 8.66
N ILE A 257 -28.06 -8.31 7.53
CA ILE A 257 -28.77 -8.19 6.25
C ILE A 257 -29.87 -9.27 6.28
N VAL A 258 -29.53 -10.50 6.62
CA VAL A 258 -30.51 -11.57 6.68
C VAL A 258 -31.15 -11.70 8.05
N ASN A 259 -30.36 -11.92 9.09
CA ASN A 259 -30.87 -12.06 10.49
C ASN A 259 -30.93 -10.65 11.01
N LYS A 260 -31.91 -9.90 10.52
CA LYS A 260 -32.12 -8.51 10.90
C LYS A 260 -32.01 -8.29 12.42
N ARG A 261 -30.76 -8.10 12.89
CA ARG A 261 -30.46 -7.91 14.33
C ARG A 261 -30.27 -6.49 14.79
N GLU A 262 -31.10 -6.10 15.73
CA GLU A 262 -31.06 -4.77 16.30
C GLU A 262 -30.29 -4.75 17.62
N GLU A 263 -29.14 -5.43 17.68
CA GLU A 263 -28.38 -5.41 18.92
C GLU A 263 -26.95 -5.05 18.69
N PRO A 264 -26.60 -3.97 19.31
CA PRO A 264 -25.27 -3.45 19.19
C PRO A 264 -24.23 -4.49 19.60
N GLN A 265 -23.11 -4.46 18.96
CA GLN A 265 -22.13 -5.46 19.29
C GLN A 265 -20.83 -4.80 19.73
N SER A 266 -19.92 -5.61 20.26
CA SER A 266 -18.65 -5.06 20.72
C SER A 266 -17.57 -5.80 20.05
N ILE A 267 -16.71 -5.08 19.37
CA ILE A 267 -15.61 -5.75 18.70
C ILE A 267 -14.31 -5.46 19.42
N GLU A 268 -13.72 -6.48 20.01
CA GLU A 268 -12.44 -6.27 20.69
C GLU A 268 -11.25 -7.00 20.09
N VAL A 269 -10.16 -6.30 19.90
CA VAL A 269 -8.96 -6.99 19.40
C VAL A 269 -7.74 -6.81 20.39
N HIS A 270 -6.82 -7.73 20.36
CA HIS A 270 -5.70 -7.58 21.26
C HIS A 270 -4.37 -7.52 20.55
N PRO A 271 -3.56 -6.50 20.81
CA PRO A 271 -2.25 -6.44 20.12
C PRO A 271 -1.29 -7.60 20.55
N ARG A 272 -0.38 -8.01 19.64
CA ARG A 272 0.62 -9.08 19.83
C ARG A 272 2.04 -8.73 19.29
N LEU A 273 3.05 -9.07 20.05
CA LEU A 273 4.38 -8.71 19.68
C LEU A 273 4.93 -9.65 18.65
N ILE A 274 5.57 -9.10 17.60
CA ILE A 274 6.17 -9.95 16.57
C ILE A 274 7.65 -9.62 16.67
N GLU A 275 8.43 -10.61 17.12
CA GLU A 275 9.90 -10.49 17.32
C GLU A 275 10.57 -10.91 16.02
N ARG A 276 11.16 -9.94 15.34
CA ARG A 276 11.84 -10.23 14.08
C ARG A 276 13.36 -10.00 14.21
N ARG A 277 13.94 -9.02 13.52
CA ARG A 277 15.42 -8.87 13.63
C ARG A 277 15.97 -7.46 13.86
N SER A 278 15.10 -6.51 14.17
CA SER A 278 15.49 -5.14 14.33
C SER A 278 15.84 -4.70 15.75
N VAL A 279 15.71 -5.61 16.68
CA VAL A 279 16.03 -5.30 18.10
C VAL A 279 17.05 -6.27 18.64
N ALA A 280 18.05 -5.71 19.33
CA ALA A 280 19.13 -6.50 19.96
C ALA A 280 19.14 -6.18 21.45
N ASP A 281 19.93 -6.98 22.16
CA ASP A 281 20.20 -6.84 23.60
C ASP A 281 20.84 -5.52 23.89
N GLY A 282 20.28 -4.88 24.89
CA GLY A 282 20.74 -3.55 25.34
C GLY A 282 21.86 -3.74 26.35
N PRO A 283 22.49 -2.66 26.75
CA PRO A 283 23.60 -2.76 27.69
C PRO A 283 23.15 -3.36 28.98
N PHE A 284 22.01 -2.88 29.50
CA PHE A 284 21.48 -3.36 30.78
C PHE A 284 20.81 -4.68 30.72
N ARG A 285 21.12 -5.44 29.71
CA ARG A 285 20.47 -6.70 29.67
C ARG A 285 21.16 -7.76 30.39
N ASP A 286 20.47 -8.19 31.41
CA ASP A 286 20.89 -9.23 32.28
C ASP A 286 20.06 -9.95 33.21
N TYR A 287 19.11 -10.68 32.65
CA TYR A 287 18.29 -11.50 33.47
C TYR A 287 18.29 -12.98 33.15
N ARG A 288 18.85 -13.40 32.00
CA ARG A 288 18.85 -14.86 31.62
C ARG A 288 19.05 -15.15 30.14
N ARG A 289 18.73 -16.40 29.76
CA ARG A 289 18.82 -16.84 28.36
C ARG A 289 17.65 -17.66 27.76
N LYS B 8 -23.87 12.49 -8.69
CA LYS B 8 -22.42 12.58 -8.90
C LYS B 8 -21.68 11.35 -8.44
N SER B 9 -21.79 10.34 -9.25
CA SER B 9 -21.18 9.09 -8.95
C SER B 9 -20.51 8.57 -10.18
N ILE B 10 -19.52 7.71 -9.97
CA ILE B 10 -18.79 7.11 -11.06
C ILE B 10 -18.49 5.63 -10.80
N GLY B 11 -18.69 4.83 -11.84
CA GLY B 11 -18.46 3.38 -11.81
C GLY B 11 -16.97 3.21 -12.11
N LEU B 12 -16.44 2.06 -11.71
CA LEU B 12 -15.02 1.76 -11.92
C LEU B 12 -14.94 0.26 -11.89
N LEU B 13 -14.86 -0.29 -13.10
CA LEU B 13 -14.79 -1.74 -13.32
C LEU B 13 -13.33 -2.12 -13.54
N ALA B 14 -12.79 -2.75 -12.51
CA ALA B 14 -11.43 -3.15 -12.56
C ALA B 14 -11.28 -4.64 -12.64
N THR B 15 -10.02 -5.00 -12.85
CA THR B 15 -9.60 -6.37 -12.98
C THR B 15 -8.99 -6.89 -11.69
N SER B 16 -8.67 -5.96 -10.80
CA SER B 16 -8.11 -6.25 -9.48
C SER B 16 -7.50 -5.04 -8.82
N SER B 17 -8.24 -4.49 -7.86
CA SER B 17 -7.82 -3.32 -7.10
C SER B 17 -6.49 -3.77 -6.55
N GLU B 18 -6.47 -4.98 -6.02
CA GLU B 18 -5.23 -5.46 -5.52
C GLU B 18 -4.53 -6.30 -6.55
N ALA B 19 -3.78 -5.56 -7.34
CA ALA B 19 -2.96 -6.04 -8.43
C ALA B 19 -1.95 -4.92 -8.44
N ALA B 20 -0.85 -5.14 -7.70
CA ALA B 20 0.27 -4.20 -7.52
C ALA B 20 0.52 -3.37 -8.75
N TYR B 21 0.24 -3.95 -9.93
CA TYR B 21 0.42 -3.21 -11.16
C TYR B 21 -0.50 -2.01 -11.15
N PHE B 22 -1.79 -2.30 -11.37
CA PHE B 22 -2.83 -1.28 -11.42
C PHE B 22 -2.88 -0.39 -10.21
N ALA B 23 -3.34 -0.98 -9.12
CA ALA B 23 -3.45 -0.36 -7.80
C ALA B 23 -3.25 1.16 -7.63
N GLU B 24 -2.04 1.64 -7.80
CA GLU B 24 -1.74 3.07 -7.65
C GLU B 24 -2.59 3.91 -8.55
N ILE B 25 -2.97 3.34 -9.68
CA ILE B 25 -3.80 4.10 -10.58
C ILE B 25 -5.14 4.39 -9.88
N ILE B 26 -5.77 3.33 -9.38
CA ILE B 26 -7.06 3.40 -8.68
C ILE B 26 -7.11 4.44 -7.60
N GLU B 27 -6.11 4.40 -6.73
CA GLU B 27 -6.01 5.35 -5.63
C GLU B 27 -6.16 6.77 -6.19
N ALA B 28 -5.56 6.97 -7.36
CA ALA B 28 -5.58 8.25 -8.04
C ALA B 28 -7.02 8.56 -8.49
N VAL B 29 -7.65 7.58 -9.13
CA VAL B 29 -9.04 7.74 -9.58
C VAL B 29 -9.86 8.08 -8.33
N GLU B 30 -9.58 7.33 -7.26
CA GLU B 30 -10.23 7.50 -6.00
C GLU B 30 -10.07 8.85 -5.42
N LYS B 31 -8.89 9.19 -4.97
CA LYS B 31 -8.63 10.46 -4.33
C LYS B 31 -9.13 11.69 -5.08
N ASN B 32 -9.32 11.53 -6.39
CA ASN B 32 -9.81 12.63 -7.24
C ASN B 32 -11.32 12.77 -7.04
N CYS B 33 -12.00 11.62 -6.99
CA CYS B 33 -13.43 11.53 -6.79
C CYS B 33 -13.78 12.21 -5.51
N PHE B 34 -13.19 11.77 -4.40
CA PHE B 34 -13.43 12.37 -3.05
C PHE B 34 -13.12 13.83 -3.08
N GLN B 35 -12.03 14.15 -3.79
CA GLN B 35 -11.55 15.51 -3.94
C GLN B 35 -12.65 16.32 -4.63
N LYS B 36 -13.40 15.66 -5.50
CA LYS B 36 -14.48 16.34 -6.19
C LYS B 36 -15.82 15.89 -5.62
N GLY B 37 -15.75 15.32 -4.42
CA GLY B 37 -16.91 14.81 -3.69
C GLY B 37 -17.89 13.97 -4.52
N TYR B 38 -17.37 12.98 -5.25
CA TYR B 38 -18.24 12.16 -6.04
C TYR B 38 -18.44 10.88 -5.26
N THR B 39 -19.26 9.98 -5.76
CA THR B 39 -19.46 8.73 -5.06
C THR B 39 -18.75 7.77 -6.00
N LEU B 40 -18.09 6.77 -5.43
CA LEU B 40 -17.40 5.78 -6.23
C LEU B 40 -18.12 4.48 -6.11
N ILE B 41 -18.37 3.83 -7.24
CA ILE B 41 -19.08 2.55 -7.26
C ILE B 41 -18.10 1.60 -7.90
N LEU B 42 -17.36 0.98 -7.00
CA LEU B 42 -16.32 0.03 -7.26
C LEU B 42 -16.68 -1.40 -7.63
N GLY B 43 -16.33 -1.78 -8.85
CA GLY B 43 -16.56 -3.10 -9.29
C GLY B 43 -15.17 -3.68 -9.45
N ASN B 44 -14.98 -4.90 -8.99
CA ASN B 44 -13.70 -5.58 -9.13
C ASN B 44 -13.90 -7.02 -9.55
N ALA B 45 -13.78 -7.20 -10.87
CA ALA B 45 -13.94 -8.46 -11.56
C ALA B 45 -12.85 -9.42 -11.26
N TRP B 46 -12.20 -9.89 -12.33
CA TRP B 46 -11.07 -10.84 -12.34
C TRP B 46 -11.19 -11.77 -13.53
N ASN B 47 -11.77 -11.24 -14.60
CA ASN B 47 -12.00 -11.98 -15.84
C ASN B 47 -13.06 -13.08 -15.80
N ASN B 48 -14.32 -12.64 -15.79
CA ASN B 48 -15.46 -13.53 -15.79
C ASN B 48 -16.59 -12.80 -16.48
N LEU B 49 -16.89 -13.15 -17.73
CA LEU B 49 -17.99 -12.54 -18.52
C LEU B 49 -19.24 -12.09 -17.75
N GLU B 50 -19.69 -12.94 -16.83
CA GLU B 50 -20.86 -12.63 -16.01
C GLU B 50 -20.53 -11.66 -14.85
N LYS B 51 -19.48 -11.98 -14.09
CA LYS B 51 -19.09 -11.12 -12.97
C LYS B 51 -18.84 -9.76 -13.53
N GLN B 52 -18.10 -9.71 -14.61
CA GLN B 52 -17.85 -8.43 -15.23
C GLN B 52 -19.14 -7.94 -15.82
N ARG B 53 -20.01 -8.87 -16.15
CA ARG B 53 -21.26 -8.40 -16.74
C ARG B 53 -22.06 -7.75 -15.62
N ALA B 54 -22.20 -8.56 -14.57
CA ALA B 54 -22.92 -8.21 -13.34
C ALA B 54 -22.60 -6.80 -12.98
N TYR B 55 -21.32 -6.61 -12.72
CA TYR B 55 -20.80 -5.31 -12.34
C TYR B 55 -21.30 -4.28 -13.35
N LEU B 56 -21.37 -4.69 -14.61
CA LEU B 56 -21.82 -3.75 -15.62
C LEU B 56 -23.21 -3.28 -15.57
N SER B 57 -24.13 -4.18 -15.46
CA SER B 57 -25.51 -3.73 -15.41
C SER B 57 -25.82 -2.92 -14.15
N MET B 58 -25.27 -3.36 -13.02
CA MET B 58 -25.49 -2.67 -11.72
C MET B 58 -25.08 -1.22 -11.71
N MET B 59 -24.00 -0.89 -12.40
CA MET B 59 -23.61 0.49 -12.40
C MET B 59 -24.59 1.22 -13.28
N ALA B 60 -25.18 0.48 -14.19
CA ALA B 60 -26.14 1.14 -15.04
C ALA B 60 -27.37 1.39 -14.18
N GLN B 61 -27.95 0.34 -13.58
CA GLN B 61 -29.12 0.59 -12.74
C GLN B 61 -28.95 1.67 -11.66
N LYS B 62 -27.77 1.77 -11.03
CA LYS B 62 -27.51 2.80 -10.00
C LYS B 62 -27.33 4.14 -10.68
N ARG B 63 -27.66 4.20 -11.97
CA ARG B 63 -27.51 5.44 -12.79
C ARG B 63 -26.28 6.27 -12.48
N VAL B 64 -25.12 5.67 -12.75
CA VAL B 64 -23.84 6.34 -12.53
C VAL B 64 -23.60 7.39 -13.61
N ASP B 65 -22.96 8.50 -13.24
CA ASP B 65 -22.65 9.59 -14.21
C ASP B 65 -21.28 9.41 -14.93
N GLY B 66 -20.91 8.17 -15.27
CA GLY B 66 -19.65 7.96 -15.92
C GLY B 66 -19.12 6.59 -15.56
N LEU B 67 -18.39 6.01 -16.50
CA LEU B 67 -17.83 4.71 -16.33
C LEU B 67 -16.33 4.77 -16.48
N LEU B 68 -15.67 3.69 -16.16
CA LEU B 68 -14.25 3.70 -16.29
C LEU B 68 -13.81 2.29 -16.11
N VAL B 69 -13.23 1.74 -17.18
CA VAL B 69 -12.77 0.38 -17.19
C VAL B 69 -11.26 0.28 -17.29
N MET B 70 -10.75 -0.71 -16.58
CA MET B 70 -9.32 -1.01 -16.52
C MET B 70 -9.29 -2.51 -16.65
N CYS B 71 -8.87 -2.99 -17.80
CA CYS B 71 -8.84 -4.41 -17.96
C CYS B 71 -7.55 -4.95 -18.56
N SER B 72 -7.06 -6.04 -17.97
CA SER B 72 -5.84 -6.69 -18.43
C SER B 72 -6.14 -7.03 -19.90
N GLU B 73 -7.27 -7.69 -20.12
CA GLU B 73 -7.72 -8.08 -21.46
C GLU B 73 -8.96 -7.32 -21.83
N TYR B 74 -9.41 -7.57 -23.05
CA TYR B 74 -10.61 -6.95 -23.59
C TYR B 74 -11.17 -7.88 -24.68
N PRO B 75 -11.43 -9.12 -24.29
CA PRO B 75 -11.95 -10.09 -25.24
C PRO B 75 -13.26 -9.63 -25.89
N GLU B 76 -13.57 -10.28 -27.01
CA GLU B 76 -14.78 -10.01 -27.78
C GLU B 76 -16.02 -9.84 -26.91
N PRO B 77 -16.28 -10.82 -26.05
CA PRO B 77 -17.42 -10.76 -25.16
C PRO B 77 -17.46 -9.48 -24.38
N LEU B 78 -16.39 -9.21 -23.65
CA LEU B 78 -16.32 -7.99 -22.84
C LEU B 78 -16.60 -6.81 -23.74
N LEU B 79 -15.86 -6.79 -24.83
CA LEU B 79 -15.99 -5.73 -25.80
C LEU B 79 -17.43 -5.61 -26.25
N ALA B 80 -18.10 -6.74 -26.36
CA ALA B 80 -19.49 -6.75 -26.78
C ALA B 80 -20.26 -5.90 -25.75
N MET B 81 -20.37 -6.43 -24.52
CA MET B 81 -21.04 -5.77 -23.39
C MET B 81 -20.79 -4.27 -23.36
N LEU B 82 -19.51 -3.92 -23.31
CA LEU B 82 -19.06 -2.55 -23.27
C LEU B 82 -19.85 -1.62 -24.22
N GLU B 83 -20.20 -2.14 -25.41
CA GLU B 83 -20.98 -1.38 -26.41
C GLU B 83 -22.46 -1.22 -26.06
N GLU B 84 -23.04 -2.26 -25.48
CA GLU B 84 -24.43 -2.26 -25.05
C GLU B 84 -24.66 -1.16 -24.06
N TYR B 85 -23.59 -0.73 -23.40
CA TYR B 85 -23.69 0.33 -22.42
C TYR B 85 -23.06 1.61 -22.88
N ARG B 86 -23.07 1.83 -24.18
CA ARG B 86 -22.48 3.05 -24.65
C ARG B 86 -23.18 4.33 -24.21
N HIS B 87 -24.49 4.22 -23.97
CA HIS B 87 -25.35 5.36 -23.51
C HIS B 87 -24.75 5.93 -22.24
N ILE B 88 -24.10 5.07 -21.46
CA ILE B 88 -23.48 5.56 -20.25
C ILE B 88 -22.03 5.90 -20.70
N PRO B 89 -21.69 7.20 -20.60
CA PRO B 89 -20.40 7.74 -20.96
C PRO B 89 -19.26 7.03 -20.23
N MET B 90 -18.13 6.85 -20.91
CA MET B 90 -16.97 6.17 -20.31
C MET B 90 -15.58 6.47 -20.86
N VAL B 91 -14.65 5.64 -20.41
CA VAL B 91 -13.23 5.68 -20.77
C VAL B 91 -12.70 4.26 -20.64
N VAL B 92 -12.29 3.61 -21.74
CA VAL B 92 -11.73 2.27 -21.60
C VAL B 92 -10.25 2.38 -21.81
N MET B 93 -9.54 2.08 -20.72
CA MET B 93 -8.12 2.12 -20.65
C MET B 93 -7.64 0.80 -21.16
N ASP B 94 -7.06 0.88 -22.37
CA ASP B 94 -6.51 -0.29 -23.06
C ASP B 94 -5.02 -0.09 -23.36
N TRP B 95 -4.24 -0.85 -22.56
CA TRP B 95 -2.79 -0.92 -22.54
C TRP B 95 -2.22 -1.77 -23.65
N GLY B 96 -1.23 -1.21 -24.31
CA GLY B 96 -0.61 -1.91 -25.38
C GLY B 96 -1.49 -1.79 -26.60
N GLU B 97 -1.50 -2.92 -27.34
CA GLU B 97 -2.23 -3.09 -28.59
C GLU B 97 -3.37 -2.15 -28.90
N ALA B 98 -3.03 -1.15 -29.70
CA ALA B 98 -3.98 -0.15 -30.12
C ALA B 98 -4.79 -0.66 -31.28
N LYS B 99 -5.83 -1.41 -30.93
CA LYS B 99 -6.76 -2.02 -31.86
C LYS B 99 -7.85 -1.01 -32.19
N ALA B 100 -8.04 -0.80 -33.50
CA ALA B 100 -9.02 0.14 -34.00
C ALA B 100 -10.41 -0.27 -33.52
N ASP B 101 -10.74 0.15 -32.29
CA ASP B 101 -12.02 -0.14 -31.71
C ASP B 101 -12.63 1.20 -31.22
N PHE B 102 -12.60 1.48 -29.91
CA PHE B 102 -13.17 2.75 -29.41
C PHE B 102 -12.66 2.92 -27.99
N THR B 103 -11.65 2.11 -27.73
CA THR B 103 -11.00 2.09 -26.47
C THR B 103 -9.91 3.13 -26.49
N ASP B 104 -9.60 3.64 -25.33
CA ASP B 104 -8.58 4.64 -25.19
C ASP B 104 -7.29 3.94 -24.89
N ALA B 105 -6.32 4.20 -25.78
CA ALA B 105 -5.00 3.63 -25.72
C ALA B 105 -4.08 4.25 -24.71
N VAL B 106 -3.46 3.35 -23.98
CA VAL B 106 -2.52 3.74 -22.96
C VAL B 106 -1.15 3.28 -23.40
N ILE B 107 -0.30 4.25 -23.67
CA ILE B 107 0.99 3.85 -24.07
C ILE B 107 1.95 4.21 -22.99
N ASP B 108 2.40 3.20 -22.27
CA ASP B 108 3.38 3.40 -21.23
C ASP B 108 4.58 2.99 -22.08
N ASN B 109 5.76 3.47 -21.81
CA ASN B 109 6.81 3.03 -22.72
C ASN B 109 7.76 2.12 -21.95
N ALA B 110 7.16 0.99 -21.53
CA ALA B 110 7.82 -0.03 -20.74
C ALA B 110 8.96 -0.59 -21.51
N PHE B 111 8.75 -0.73 -22.82
CA PHE B 111 9.85 -1.29 -23.62
C PHE B 111 11.01 -0.35 -23.45
N GLU B 112 10.74 0.94 -23.55
CA GLU B 112 11.81 1.88 -23.35
C GLU B 112 12.28 1.84 -21.91
N GLY B 113 11.36 1.50 -20.99
CA GLY B 113 11.67 1.42 -19.55
C GLY B 113 12.76 0.37 -19.29
N GLY B 114 12.49 -0.87 -19.65
CA GLY B 114 13.45 -1.94 -19.46
C GLY B 114 14.76 -1.64 -20.15
N TYR B 115 14.68 -1.02 -21.33
CA TYR B 115 15.87 -0.66 -22.15
C TYR B 115 16.83 0.15 -21.28
N MET B 116 16.30 1.23 -20.81
CA MET B 116 16.97 2.19 -19.95
C MET B 116 17.66 1.51 -18.77
N ALA B 117 16.94 0.61 -18.12
CA ALA B 117 17.50 -0.10 -16.95
C ALA B 117 18.71 -0.90 -17.33
N GLY B 118 18.52 -1.83 -18.27
CA GLY B 118 19.57 -2.71 -18.73
C GLY B 118 20.75 -1.89 -19.23
N ARG B 119 20.50 -0.69 -19.74
CA ARG B 119 21.55 0.15 -20.23
C ARG B 119 22.32 0.86 -19.11
N TYR B 120 21.65 1.22 -18.05
CA TYR B 120 22.33 1.90 -16.96
C TYR B 120 23.26 0.90 -16.39
N LEU B 121 22.85 -0.35 -16.35
CA LEU B 121 23.76 -1.34 -15.77
C LEU B 121 24.98 -1.63 -16.60
N ILE B 122 24.81 -1.60 -17.92
CA ILE B 122 25.91 -1.90 -18.79
C ILE B 122 26.88 -0.71 -18.64
N GLU B 123 26.33 0.48 -18.59
CA GLU B 123 27.15 1.64 -18.44
C GLU B 123 27.89 1.69 -17.09
N ARG B 124 27.31 1.13 -16.02
CA ARG B 124 27.95 1.13 -14.69
C ARG B 124 29.07 0.08 -14.64
N GLY B 125 29.19 -0.66 -15.71
CA GLY B 125 30.23 -1.65 -15.78
C GLY B 125 29.91 -3.06 -15.41
N HIS B 126 28.62 -3.38 -15.39
CA HIS B 126 28.17 -4.75 -15.06
C HIS B 126 27.99 -5.58 -16.35
N ARG B 127 28.40 -6.84 -16.34
CA ARG B 127 28.26 -7.65 -17.54
C ARG B 127 27.61 -9.03 -17.26
N GLU B 128 27.59 -9.39 -15.99
CA GLU B 128 26.99 -10.62 -15.49
C GLU B 128 25.74 -10.10 -14.77
N ILE B 129 24.62 -10.21 -15.47
CA ILE B 129 23.32 -9.70 -14.98
C ILE B 129 22.20 -10.65 -14.68
N GLY B 130 21.47 -10.34 -13.62
CA GLY B 130 20.35 -11.17 -13.26
C GLY B 130 19.10 -10.42 -13.53
N VAL B 131 17.98 -11.16 -13.63
CA VAL B 131 16.66 -10.57 -13.86
C VAL B 131 15.60 -11.32 -13.08
N ILE B 132 14.74 -10.54 -12.38
CA ILE B 132 13.60 -11.08 -11.59
C ILE B 132 12.47 -10.37 -12.33
N PRO B 133 11.95 -11.14 -13.27
CA PRO B 133 10.90 -10.67 -14.10
C PRO B 133 9.57 -10.87 -13.44
N GLY B 134 8.65 -10.01 -13.80
CA GLY B 134 7.29 -10.10 -13.28
C GLY B 134 6.64 -11.28 -14.00
N PRO B 135 5.37 -11.13 -14.40
CA PRO B 135 4.67 -12.19 -15.10
C PRO B 135 4.58 -12.04 -16.63
N ALA B 142 7.34 -7.74 -19.46
CA ALA B 142 7.44 -8.58 -20.69
C ALA B 142 7.93 -7.71 -21.87
N GLY B 143 7.47 -6.46 -21.79
CA GLY B 143 7.77 -5.39 -22.73
C GLY B 143 9.05 -4.92 -22.09
N ARG B 144 8.95 -4.65 -20.77
CA ARG B 144 10.04 -4.22 -19.90
C ARG B 144 11.13 -5.18 -20.23
N LEU B 145 10.92 -6.41 -19.89
CA LEU B 145 11.86 -7.47 -20.12
C LEU B 145 12.35 -7.45 -21.52
N ALA B 146 11.45 -7.30 -22.47
CA ALA B 146 11.86 -7.29 -23.89
C ALA B 146 12.85 -6.14 -24.07
N GLY B 147 12.57 -5.04 -23.41
CA GLY B 147 13.41 -3.85 -23.47
C GLY B 147 14.81 -4.18 -22.93
N PHE B 148 14.89 -4.84 -21.76
CA PHE B 148 16.13 -5.22 -21.10
C PHE B 148 16.97 -6.21 -21.95
N MET B 149 16.33 -7.12 -22.61
CA MET B 149 17.11 -8.06 -23.39
C MET B 149 17.71 -7.36 -24.63
N LYS B 150 16.99 -6.41 -25.21
CA LYS B 150 17.55 -5.70 -26.38
C LYS B 150 18.87 -5.01 -26.06
N ALA B 151 19.00 -4.43 -24.88
CA ALA B 151 20.31 -3.74 -24.52
C ALA B 151 21.42 -4.78 -24.21
N MET B 152 21.00 -5.89 -23.59
CA MET B 152 21.84 -7.02 -23.25
C MET B 152 22.26 -7.55 -24.62
N GLU B 153 21.31 -7.77 -25.52
CA GLU B 153 21.63 -8.28 -26.89
C GLU B 153 22.56 -7.32 -27.59
N GLU B 154 22.17 -6.08 -27.65
CA GLU B 154 22.94 -5.08 -28.28
C GLU B 154 24.33 -4.93 -27.68
N ALA B 155 24.58 -5.45 -26.45
CA ALA B 155 25.93 -5.37 -25.83
C ALA B 155 26.67 -6.66 -25.81
N MET B 156 26.02 -7.68 -26.30
CA MET B 156 26.60 -9.01 -26.43
C MET B 156 26.80 -9.74 -25.13
N ILE B 157 25.88 -9.45 -24.18
CA ILE B 157 25.92 -10.05 -22.86
C ILE B 157 25.01 -11.21 -22.83
N LYS B 158 25.56 -12.35 -22.50
CA LYS B 158 24.81 -13.58 -22.41
C LYS B 158 24.08 -13.54 -21.01
N VAL B 159 22.84 -14.05 -20.94
CA VAL B 159 22.13 -14.08 -19.65
C VAL B 159 21.83 -15.56 -19.38
N PRO B 160 22.50 -16.14 -18.37
CA PRO B 160 22.24 -17.53 -18.09
C PRO B 160 20.82 -17.65 -17.65
N GLU B 161 20.19 -18.67 -18.20
CA GLU B 161 18.82 -18.94 -17.92
C GLU B 161 18.72 -19.22 -16.42
N SER B 162 19.75 -19.80 -15.83
CA SER B 162 19.65 -20.05 -14.42
C SER B 162 19.69 -18.72 -13.56
N TRP B 163 19.90 -17.55 -14.19
CA TRP B 163 19.89 -16.32 -13.49
C TRP B 163 18.65 -15.55 -13.82
N ILE B 164 17.65 -16.19 -14.45
CA ILE B 164 16.35 -15.52 -14.77
C ILE B 164 15.25 -16.26 -13.90
N VAL B 165 14.62 -15.58 -12.91
CA VAL B 165 13.62 -16.18 -12.01
C VAL B 165 12.37 -15.33 -11.81
N GLN B 166 11.26 -15.85 -12.31
CA GLN B 166 9.98 -15.15 -12.23
C GLN B 166 9.47 -14.83 -10.85
N GLY B 167 8.96 -13.61 -10.69
CA GLY B 167 8.38 -13.13 -9.42
C GLY B 167 6.88 -12.92 -9.62
N ASP B 168 6.19 -12.40 -8.64
CA ASP B 168 4.79 -12.21 -8.88
C ASP B 168 4.31 -10.80 -8.57
N PHE B 169 5.23 -9.92 -8.18
CA PHE B 169 5.00 -8.49 -7.82
C PHE B 169 4.97 -8.31 -6.34
N GLU B 170 4.92 -9.41 -5.62
CA GLU B 170 4.93 -9.43 -4.16
C GLU B 170 6.31 -9.80 -3.52
N PRO B 171 6.72 -9.10 -2.46
CA PRO B 171 8.01 -9.32 -1.76
C PRO B 171 8.48 -10.74 -1.53
N GLU B 172 7.58 -11.65 -1.20
CA GLU B 172 8.09 -12.97 -0.97
C GLU B 172 8.56 -13.57 -2.23
N SER B 173 8.00 -13.18 -3.36
CA SER B 173 8.43 -13.76 -4.63
C SER B 173 9.80 -13.25 -4.98
N GLY B 174 10.03 -11.94 -4.77
CA GLY B 174 11.36 -11.36 -5.05
C GLY B 174 12.35 -11.96 -4.05
N TYR B 175 11.89 -12.22 -2.83
CA TYR B 175 12.74 -12.79 -1.80
C TYR B 175 13.17 -14.16 -2.19
N ARG B 176 12.24 -14.96 -2.67
CA ARG B 176 12.59 -16.31 -3.11
C ARG B 176 13.47 -16.25 -4.42
N ALA B 177 13.13 -15.34 -5.32
CA ALA B 177 13.87 -15.21 -6.59
C ALA B 177 15.37 -14.82 -6.39
N MET B 178 15.63 -13.79 -5.57
CA MET B 178 16.99 -13.36 -5.36
C MET B 178 17.82 -14.39 -4.68
N GLN B 179 17.24 -15.04 -3.74
CA GLN B 179 17.97 -16.04 -3.05
C GLN B 179 18.35 -17.16 -4.02
N GLN B 180 17.49 -17.45 -4.96
CA GLN B 180 17.77 -18.52 -5.91
C GLN B 180 18.95 -18.15 -6.82
N ILE B 181 18.99 -16.88 -7.22
CA ILE B 181 19.99 -16.42 -8.09
C ILE B 181 21.30 -16.28 -7.39
N LEU B 182 21.26 -15.68 -6.22
CA LEU B 182 22.50 -15.43 -5.46
C LEU B 182 23.10 -16.71 -4.96
N SER B 183 22.28 -17.71 -4.83
CA SER B 183 22.69 -19.00 -4.31
C SER B 183 23.15 -19.98 -5.38
N GLN B 184 24.18 -19.57 -6.10
CA GLN B 184 24.74 -20.38 -7.15
C GLN B 184 26.19 -20.00 -7.15
N PRO B 185 26.97 -21.02 -7.48
CA PRO B 185 28.43 -20.97 -7.60
C PRO B 185 28.79 -19.69 -8.30
N HIS B 186 28.15 -19.46 -9.42
CA HIS B 186 28.45 -18.26 -10.12
C HIS B 186 27.27 -17.35 -10.03
N ARG B 187 27.49 -16.12 -9.69
CA ARG B 187 26.37 -15.26 -9.59
C ARG B 187 26.65 -13.92 -10.27
N PRO B 188 25.60 -13.16 -10.55
CA PRO B 188 25.82 -11.91 -11.23
C PRO B 188 26.22 -10.85 -10.20
N THR B 189 26.55 -9.67 -10.69
CA THR B 189 26.94 -8.59 -9.83
C THR B 189 25.86 -7.55 -9.82
N ALA B 190 24.89 -7.74 -10.67
CA ALA B 190 23.77 -6.83 -10.75
C ALA B 190 22.49 -7.60 -11.11
N VAL B 191 21.38 -7.14 -10.54
CA VAL B 191 20.13 -7.77 -10.81
C VAL B 191 19.07 -6.78 -11.16
N PHE B 192 18.36 -7.11 -12.23
CA PHE B 192 17.28 -6.22 -12.64
C PHE B 192 15.97 -6.79 -12.10
N CYS B 193 15.31 -6.00 -11.24
CA CYS B 193 14.07 -6.40 -10.59
C CYS B 193 12.87 -5.79 -11.21
N GLY B 194 12.03 -6.63 -11.83
CA GLY B 194 10.83 -6.10 -12.52
C GLY B 194 9.65 -5.52 -11.72
N GLY B 195 9.91 -4.91 -10.54
CA GLY B 195 8.86 -4.34 -9.69
C GLY B 195 9.49 -3.85 -8.38
N ASP B 196 9.22 -2.60 -8.00
CA ASP B 196 9.84 -2.10 -6.78
C ASP B 196 9.46 -2.94 -5.58
N ILE B 197 8.21 -3.39 -5.51
CA ILE B 197 7.75 -4.19 -4.35
C ILE B 197 8.42 -5.50 -4.24
N MET B 198 8.65 -6.03 -5.38
CA MET B 198 9.30 -7.30 -5.48
C MET B 198 10.74 -7.03 -5.12
N ALA B 199 11.29 -5.90 -5.53
CA ALA B 199 12.72 -5.57 -5.21
C ALA B 199 12.95 -5.42 -3.65
N MET B 200 11.91 -5.04 -2.91
CA MET B 200 12.02 -4.90 -1.46
C MET B 200 12.28 -6.29 -0.89
N GLY B 201 11.58 -7.31 -1.40
CA GLY B 201 11.82 -8.65 -0.91
C GLY B 201 13.23 -9.15 -1.36
N ALA B 202 13.79 -8.59 -2.46
CA ALA B 202 15.13 -9.03 -2.96
C ALA B 202 16.24 -8.42 -2.08
N LEU B 203 16.09 -7.18 -1.69
CA LEU B 203 17.07 -6.50 -0.83
C LEU B 203 17.13 -7.30 0.53
N CYS B 204 15.97 -7.70 1.02
CA CYS B 204 15.91 -8.44 2.25
C CYS B 204 16.70 -9.73 2.16
N ALA B 205 16.37 -10.56 1.17
CA ALA B 205 17.10 -11.84 1.01
C ALA B 205 18.63 -11.67 0.95
N ALA B 206 19.11 -10.69 0.14
CA ALA B 206 20.55 -10.45 0.00
C ALA B 206 21.04 -10.26 1.44
N ASP B 207 20.49 -9.27 2.13
CA ASP B 207 20.87 -9.01 3.53
C ASP B 207 20.85 -10.23 4.40
N GLU B 208 19.75 -10.96 4.37
CA GLU B 208 19.71 -12.13 5.20
C GLU B 208 20.79 -13.16 4.79
N MET B 209 21.18 -13.20 3.48
CA MET B 209 22.23 -14.16 3.03
C MET B 209 23.61 -13.63 3.45
N GLY B 210 23.68 -12.37 3.83
CA GLY B 210 24.96 -11.77 4.24
C GLY B 210 25.60 -10.91 3.13
N LEU B 211 24.81 -10.62 2.08
CA LEU B 211 25.28 -9.81 0.95
C LEU B 211 25.02 -8.31 1.07
N ARG B 212 26.10 -7.56 0.91
CA ARG B 212 26.12 -6.13 0.98
C ARG B 212 25.59 -5.53 -0.31
N VAL B 213 24.50 -4.80 -0.22
CA VAL B 213 24.00 -4.17 -1.42
C VAL B 213 24.24 -2.65 -1.19
N PRO B 214 24.80 -1.90 -2.15
CA PRO B 214 25.21 -2.40 -3.49
C PRO B 214 26.55 -3.03 -3.65
N GLN B 215 27.33 -3.07 -2.58
CA GLN B 215 28.69 -3.61 -2.54
C GLN B 215 28.99 -4.97 -3.09
N ASP B 216 28.10 -5.91 -2.87
CA ASP B 216 28.32 -7.24 -3.33
C ASP B 216 27.41 -7.54 -4.47
N VAL B 217 26.28 -6.87 -4.49
CA VAL B 217 25.28 -7.03 -5.56
C VAL B 217 24.58 -5.68 -5.74
N SER B 218 24.49 -5.23 -7.00
CA SER B 218 23.84 -3.98 -7.38
C SER B 218 22.34 -4.33 -7.71
N LEU B 219 21.43 -3.43 -7.43
CA LEU B 219 20.05 -3.74 -7.72
C LEU B 219 19.29 -2.55 -8.26
N ILE B 220 18.49 -2.77 -9.31
CA ILE B 220 17.69 -1.66 -9.87
C ILE B 220 16.32 -2.28 -9.99
N GLY B 221 15.29 -1.53 -9.61
CA GLY B 221 13.92 -2.06 -9.66
C GLY B 221 13.08 -1.33 -10.76
N TYR B 222 11.78 -1.35 -10.67
CA TYR B 222 11.03 -0.64 -11.71
C TYR B 222 9.78 -0.19 -11.03
N ASP B 223 9.38 1.04 -11.29
CA ASP B 223 8.15 1.71 -10.78
C ASP B 223 8.29 3.07 -10.24
N ASN B 224 9.18 3.12 -9.27
CA ASN B 224 9.51 4.23 -8.45
C ASN B 224 8.24 4.35 -7.55
N VAL B 225 7.94 3.31 -6.73
CA VAL B 225 6.80 3.37 -5.85
C VAL B 225 7.14 4.45 -4.80
N ARG B 226 6.11 4.96 -4.10
CA ARG B 226 6.36 6.02 -3.11
C ARG B 226 7.41 5.79 -2.04
N ASN B 227 7.46 4.57 -1.54
CA ASN B 227 8.40 4.23 -0.51
C ASN B 227 9.77 3.88 -0.96
N ALA B 228 9.93 3.57 -2.27
CA ALA B 228 11.21 3.17 -2.90
C ALA B 228 12.42 4.01 -2.42
N ARG B 229 12.22 5.28 -2.25
CA ARG B 229 13.34 6.09 -1.80
C ARG B 229 13.68 5.78 -0.37
N TYR B 230 12.72 5.19 0.34
CA TYR B 230 12.81 4.87 1.74
C TYR B 230 13.21 3.47 1.99
N PHE B 231 13.74 2.85 0.95
CA PHE B 231 14.22 1.50 1.10
C PHE B 231 15.65 1.62 1.62
N THR B 232 16.21 0.53 2.06
CA THR B 232 17.58 0.53 2.57
C THR B 232 18.28 -0.49 1.69
N PRO B 233 19.07 -0.04 0.71
CA PRO B 233 19.32 1.38 0.49
C PRO B 233 18.30 1.99 -0.31
N ALA B 234 18.44 3.29 -0.50
CA ALA B 234 17.46 4.01 -1.32
C ALA B 234 17.61 3.39 -2.68
N LEU B 235 16.48 2.95 -3.17
CA LEU B 235 16.39 2.26 -4.46
C LEU B 235 16.44 2.99 -5.80
N THR B 236 17.38 2.55 -6.62
CA THR B 236 17.59 3.08 -8.01
C THR B 236 16.50 2.30 -8.84
N THR B 237 15.72 3.03 -9.61
CA THR B 237 14.63 2.39 -10.34
C THR B 237 14.12 3.26 -11.49
N ILE B 238 13.20 2.70 -12.26
CA ILE B 238 12.59 3.38 -13.39
C ILE B 238 11.27 3.89 -12.90
N HIS B 239 11.15 5.20 -12.97
CA HIS B 239 9.95 5.85 -12.55
C HIS B 239 8.85 5.73 -13.60
N GLN B 240 7.79 5.06 -13.21
CA GLN B 240 6.67 4.88 -14.10
C GLN B 240 5.51 5.67 -13.50
N PRO B 241 5.17 6.79 -14.14
CA PRO B 241 4.05 7.65 -13.71
C PRO B 241 2.74 6.87 -13.56
N LYS B 242 2.43 6.35 -12.39
CA LYS B 242 1.18 5.59 -12.27
C LYS B 242 0.00 6.49 -11.94
N ASP B 243 0.19 7.29 -10.91
CA ASP B 243 -0.79 8.23 -10.40
C ASP B 243 -0.66 9.55 -11.13
N SER B 244 -0.87 9.48 -12.43
CA SER B 244 -0.81 10.62 -13.35
C SER B 244 -1.83 10.18 -14.40
N LEU B 245 -1.82 8.86 -14.59
CA LEU B 245 -2.66 8.11 -15.52
C LEU B 245 -4.14 8.09 -15.15
N GLY B 246 -4.39 7.90 -13.86
CA GLY B 246 -5.76 7.82 -13.33
C GLY B 246 -6.37 9.19 -13.27
N GLU B 247 -5.51 10.19 -13.01
CA GLU B 247 -5.93 11.60 -12.91
C GLU B 247 -6.26 12.09 -14.33
N THR B 248 -5.54 11.56 -15.31
CA THR B 248 -5.78 11.93 -16.67
C THR B 248 -7.01 11.16 -17.10
N ALA B 249 -6.98 9.85 -16.91
CA ALA B 249 -8.11 9.01 -17.27
C ALA B 249 -9.38 9.54 -16.61
N PHE B 250 -9.23 10.02 -15.38
CA PHE B 250 -10.33 10.55 -14.62
C PHE B 250 -10.76 11.88 -15.22
N ASN B 251 -9.86 12.54 -15.92
CA ASN B 251 -10.25 13.81 -16.53
C ASN B 251 -10.89 13.53 -17.88
N MET B 252 -10.39 12.51 -18.59
CA MET B 252 -10.97 12.18 -19.86
C MET B 252 -12.43 11.81 -19.51
N LEU B 253 -12.65 11.14 -18.37
CA LEU B 253 -14.01 10.77 -17.99
C LEU B 253 -14.84 12.00 -17.85
N LEU B 254 -14.32 12.96 -17.12
CA LEU B 254 -15.07 14.18 -16.93
C LEU B 254 -15.55 14.84 -18.23
N ASP B 255 -14.58 15.43 -18.96
CA ASP B 255 -14.81 16.12 -20.23
C ASP B 255 -15.80 15.28 -21.06
N ARG B 256 -15.56 13.99 -21.05
CA ARG B 256 -16.41 13.10 -21.77
C ARG B 256 -17.87 13.22 -21.35
N ILE B 257 -18.12 13.23 -20.05
CA ILE B 257 -19.50 13.35 -19.61
C ILE B 257 -20.07 14.74 -19.85
N VAL B 258 -19.27 15.76 -19.55
CA VAL B 258 -19.71 17.12 -19.73
C VAL B 258 -19.65 17.63 -21.16
N ASN B 259 -18.47 18.05 -21.57
CA ASN B 259 -18.29 18.57 -22.90
C ASN B 259 -18.79 17.65 -24.01
N LYS B 260 -19.24 16.45 -23.65
CA LYS B 260 -19.78 15.41 -24.56
C LYS B 260 -18.79 14.92 -25.60
N ARG B 261 -17.57 14.74 -25.14
CA ARG B 261 -16.45 14.29 -25.92
C ARG B 261 -16.49 12.80 -26.30
N GLU B 262 -17.27 12.48 -27.32
CA GLU B 262 -17.44 11.12 -27.79
C GLU B 262 -16.17 10.59 -28.48
N GLU B 263 -15.40 11.51 -29.08
CA GLU B 263 -14.15 11.16 -29.79
C GLU B 263 -13.04 10.78 -28.80
N PRO B 264 -12.50 9.55 -28.94
CA PRO B 264 -11.45 9.03 -28.05
C PRO B 264 -10.15 9.83 -27.90
N GLN B 265 -9.29 9.31 -26.98
CA GLN B 265 -8.01 9.88 -26.64
C GLN B 265 -6.99 8.79 -26.24
N SER B 266 -5.70 9.13 -26.35
CA SER B 266 -4.58 8.21 -26.02
C SER B 266 -3.74 8.80 -24.94
N ILE B 267 -3.47 7.96 -23.95
CA ILE B 267 -2.67 8.36 -22.80
C ILE B 267 -1.35 7.64 -22.91
N GLU B 268 -0.31 8.41 -23.18
CA GLU B 268 1.02 7.84 -23.31
C GLU B 268 1.96 8.52 -22.38
N VAL B 269 2.83 7.74 -21.75
CA VAL B 269 3.77 8.31 -20.80
C VAL B 269 5.15 7.84 -21.22
N HIS B 270 6.18 8.42 -20.58
CA HIS B 270 7.57 8.02 -20.83
C HIS B 270 8.27 7.83 -19.54
N PRO B 271 9.01 6.75 -19.52
CA PRO B 271 9.79 6.34 -18.38
C PRO B 271 11.02 7.21 -18.15
N ARG B 272 11.46 7.21 -16.89
CA ARG B 272 12.63 7.95 -16.48
C ARG B 272 13.31 7.20 -15.35
N LEU B 273 14.62 7.28 -15.40
CA LEU B 273 15.52 6.63 -14.45
C LEU B 273 15.75 7.48 -13.25
N ILE B 274 15.61 6.86 -12.08
CA ILE B 274 15.85 7.58 -10.85
C ILE B 274 17.03 6.97 -10.22
N GLU B 275 18.10 7.74 -10.21
CA GLU B 275 19.36 7.30 -9.65
C GLU B 275 19.37 7.48 -8.15
N ARG B 276 19.69 6.43 -7.44
CA ARG B 276 19.69 6.56 -6.03
C ARG B 276 20.88 5.84 -5.50
N ARG B 277 20.66 4.92 -4.60
CA ARG B 277 21.80 4.21 -4.02
C ARG B 277 21.91 2.71 -4.04
N SER B 278 21.23 2.00 -4.92
CA SER B 278 21.34 0.58 -4.88
C SER B 278 22.19 0.04 -5.97
N VAL B 279 22.85 0.93 -6.68
CA VAL B 279 23.72 0.51 -7.77
C VAL B 279 25.19 1.00 -7.67
N ALA B 280 26.08 0.07 -7.90
CA ALA B 280 27.49 0.35 -7.85
C ALA B 280 28.12 0.03 -9.16
N ASP B 281 29.34 0.57 -9.28
CA ASP B 281 30.20 0.39 -10.44
C ASP B 281 30.52 -1.08 -10.61
N GLY B 282 30.56 -1.57 -11.82
CA GLY B 282 30.88 -2.95 -11.93
C GLY B 282 32.35 -3.09 -12.35
N PRO B 283 32.80 -4.34 -12.39
CA PRO B 283 34.17 -4.66 -12.74
C PRO B 283 34.59 -4.23 -14.14
N PHE B 284 33.64 -3.99 -15.02
CA PHE B 284 34.02 -3.57 -16.38
C PHE B 284 34.08 -2.12 -16.61
N ARG B 285 34.84 -1.44 -15.76
CA ARG B 285 35.04 0.00 -15.89
C ARG B 285 36.33 0.10 -16.70
N ASP B 286 36.65 -1.08 -17.24
CA ASP B 286 37.75 -1.32 -18.17
C ASP B 286 37.08 -1.69 -19.44
N TYR B 287 36.99 -0.54 -20.07
CA TYR B 287 36.48 -0.09 -21.30
C TYR B 287 35.75 1.17 -20.92
N ARG B 288 36.44 2.27 -21.28
CA ARG B 288 36.04 3.64 -21.05
C ARG B 288 36.24 4.22 -19.65
N ARG B 289 36.03 5.54 -19.59
CA ARG B 289 36.11 6.35 -18.38
C ARG B 289 35.09 7.50 -18.55
MG MG C . -7.62 1.70 -1.75
MG MG D . 25.41 9.73 32.78
MG MG E . 24.44 8.89 -22.00
#